data_3QTA
#
_entry.id   3QTA
#
_cell.length_a   89.928
_cell.length_b   89.928
_cell.length_c   148.299
_cell.angle_alpha   90.000
_cell.angle_beta   90.000
_cell.angle_gamma   90.000
#
_symmetry.space_group_name_H-M   'P 41 21 2'
#
loop_
_entity.id
_entity.type
_entity.pdbx_description
1 polymer 'Chemotaxis protein CheC'
2 non-polymer 'CALCIUM ION'
3 non-polymer GLYCEROL
4 water water
#
_entity_poly.entity_id   1
_entity_poly.type   'polypeptide(L)'
_entity_poly.pdbx_seq_one_letter_code
;G(MSE)PLLIDIRKLTLITRLIQDGAEQVADSLATLAGVDAAVEIKSLSFVQPEDIATE(MSE)GGGTIYSARVRLTEPP
YGVFL(MSE)TFETETAAEIAEL(MSE)TGSSVEDGFTQLHESALQE(MSE)CNILTSGFIDGIANTLNATIN(MSE)GT
PTVVQDDATEIADKALSHVRRDSLTIVLDSLVDIKESDVAFSLRIFLIPDPGSFVHLIDQLDYDTDRETHISADTDAVKE
LD(MSE)SGDADALDAFDSSK
;
_entity_poly.pdbx_strand_id   A,B
#
# COMPACT_ATOMS: atom_id res chain seq x y z
CA GLY A 1 -24.54 -12.14 -8.50
C GLY A 1 -24.73 -11.19 -7.31
N PRO A 3 -24.05 -7.82 -4.89
CA PRO A 3 -23.81 -6.41 -5.22
C PRO A 3 -22.39 -5.94 -5.03
N LEU A 4 -22.00 -4.94 -5.81
CA LEU A 4 -20.63 -4.50 -5.93
C LEU A 4 -20.37 -3.13 -5.33
N LEU A 5 -21.40 -2.49 -4.80
CA LEU A 5 -21.27 -1.23 -4.12
C LEU A 5 -20.96 -1.36 -2.61
N ILE A 6 -20.00 -0.56 -2.16
CA ILE A 6 -19.63 -0.52 -0.78
C ILE A 6 -19.42 0.88 -0.32
N ASP A 7 -19.71 1.13 0.96
CA ASP A 7 -19.49 2.43 1.50
C ASP A 7 -17.99 2.65 1.58
N ILE A 8 -17.55 3.78 1.05
CA ILE A 8 -16.14 4.12 0.93
C ILE A 8 -15.45 4.17 2.30
N ARG A 9 -16.20 4.48 3.36
CA ARG A 9 -15.58 4.55 4.68
C ARG A 9 -15.19 3.17 5.21
N LYS A 10 -15.77 2.11 4.65
CA LYS A 10 -15.42 0.75 5.09
C LYS A 10 -14.11 0.22 4.49
N LEU A 11 -13.50 0.92 3.53
CA LEU A 11 -12.25 0.45 2.94
C LEU A 11 -11.08 0.37 3.96
N THR A 12 -11.18 1.05 5.10
CA THR A 12 -10.21 0.89 6.15
C THR A 12 -10.09 -0.55 6.62
N LEU A 13 -11.15 -1.36 6.45
CA LEU A 13 -11.14 -2.74 6.87
C LEU A 13 -10.28 -3.60 5.97
N ILE A 14 -10.06 -3.18 4.73
CA ILE A 14 -9.18 -3.91 3.84
C ILE A 14 -7.78 -3.87 4.45
N THR A 15 -7.33 -2.69 4.87
CA THR A 15 -6.02 -2.49 5.46
C THR A 15 -5.89 -3.23 6.81
N ARG A 16 -6.93 -3.17 7.62
CA ARG A 16 -6.96 -3.93 8.85
C ARG A 16 -6.78 -5.47 8.62
N LEU A 17 -7.49 -6.04 7.65
CA LEU A 17 -7.37 -7.44 7.34
C LEU A 17 -5.99 -7.84 6.82
N ILE A 18 -5.41 -6.99 5.97
CA ILE A 18 -4.05 -7.22 5.44
C ILE A 18 -3.08 -7.29 6.59
N GLN A 19 -3.15 -6.35 7.56
CA GLN A 19 -2.25 -6.43 8.71
CA GLN A 19 -2.32 -6.36 8.77
C GLN A 19 -2.50 -7.66 9.57
N ASP A 20 -3.76 -8.08 9.73
CA ASP A 20 -4.07 -9.31 10.45
C ASP A 20 -3.46 -10.48 9.73
N GLY A 21 -3.51 -10.47 8.40
CA GLY A 21 -2.82 -11.50 7.65
C GLY A 21 -1.33 -11.53 7.92
N ALA A 22 -0.69 -10.38 7.90
CA ALA A 22 0.78 -10.30 8.14
C ALA A 22 1.17 -10.86 9.52
N GLU A 23 0.34 -10.56 10.51
CA GLU A 23 0.65 -11.01 11.88
C GLU A 23 0.60 -12.54 11.96
N GLN A 24 -0.39 -13.13 11.32
CA GLN A 24 -0.50 -14.59 11.31
C GLN A 24 0.59 -15.23 10.46
N VAL A 25 1.00 -14.60 9.36
CA VAL A 25 2.18 -15.08 8.62
C VAL A 25 3.40 -15.20 9.56
N ALA A 26 3.62 -14.18 10.38
CA ALA A 26 4.77 -14.19 11.31
C ALA A 26 4.62 -15.33 12.30
N ASP A 27 3.41 -15.49 12.83
CA ASP A 27 3.15 -16.56 13.78
C ASP A 27 3.34 -17.94 13.12
N SER A 28 2.83 -18.13 11.91
CA SER A 28 3.01 -19.42 11.23
C SER A 28 4.47 -19.74 10.94
N LEU A 29 5.21 -18.74 10.47
CA LEU A 29 6.65 -18.91 10.24
C LEU A 29 7.36 -19.43 11.48
N ALA A 30 6.99 -18.91 12.65
CA ALA A 30 7.64 -19.40 13.89
C ALA A 30 7.14 -20.84 14.25
N THR A 31 5.84 -21.08 14.22
CA THR A 31 5.26 -22.36 14.63
C THR A 31 5.70 -23.50 13.69
N LEU A 32 5.72 -23.25 12.39
CA LEU A 32 5.92 -24.32 11.41
C LEU A 32 7.37 -24.43 10.93
N ALA A 33 8.00 -23.29 10.70
CA ALA A 33 9.32 -23.27 10.07
C ALA A 33 10.42 -22.91 11.07
N GLY A 34 10.08 -22.76 12.34
CA GLY A 34 11.02 -22.19 13.34
C GLY A 34 11.75 -20.91 12.92
N VAL A 35 11.12 -20.09 12.09
CA VAL A 35 11.67 -18.81 11.59
C VAL A 35 11.05 -17.65 12.39
N ASP A 36 11.89 -16.81 12.95
CA ASP A 36 11.48 -15.65 13.76
CA ASP A 36 11.44 -15.68 13.75
C ASP A 36 11.66 -14.43 12.88
N ALA A 37 10.56 -13.84 12.41
CA ALA A 37 10.64 -12.74 11.45
C ALA A 37 9.66 -11.60 11.73
N ALA A 38 10.02 -10.42 11.29
CA ALA A 38 9.09 -9.31 11.16
C ALA A 38 8.49 -9.45 9.74
N VAL A 39 7.18 -9.46 9.63
CA VAL A 39 6.52 -9.51 8.36
C VAL A 39 5.75 -8.21 8.11
N GLU A 40 6.16 -7.47 7.10
CA GLU A 40 5.49 -6.23 6.66
CA GLU A 40 5.48 -6.25 6.72
C GLU A 40 4.76 -6.54 5.37
N ILE A 41 3.46 -6.32 5.33
CA ILE A 41 2.64 -6.50 4.12
C ILE A 41 1.83 -5.22 3.92
N LYS A 42 1.88 -4.69 2.70
CA LYS A 42 1.21 -3.44 2.33
CA LYS A 42 1.16 -3.48 2.35
C LYS A 42 0.62 -3.54 0.93
N SER A 43 -0.60 -3.03 0.78
CA SER A 43 -1.27 -2.84 -0.49
CA SER A 43 -1.22 -2.91 -0.54
C SER A 43 -0.37 -1.91 -1.33
N LEU A 44 0.05 -2.34 -2.50
CA LEU A 44 0.80 -1.52 -3.46
C LEU A 44 -0.17 -0.77 -4.36
N SER A 45 -1.20 -1.49 -4.82
CA SER A 45 -2.08 -0.97 -5.83
C SER A 45 -3.27 -1.88 -6.00
N PHE A 46 -4.28 -1.29 -6.63
CA PHE A 46 -5.46 -1.97 -7.09
C PHE A 46 -5.48 -1.96 -8.64
N VAL A 47 -5.55 -3.14 -9.23
CA VAL A 47 -5.40 -3.30 -10.67
C VAL A 47 -6.48 -4.26 -11.20
N GLN A 48 -6.60 -4.34 -12.52
CA GLN A 48 -7.48 -5.31 -13.14
C GLN A 48 -6.71 -6.66 -13.33
N PRO A 49 -7.42 -7.80 -13.23
CA PRO A 49 -6.76 -9.10 -13.28
C PRO A 49 -5.76 -9.28 -14.42
N GLU A 50 -6.07 -8.79 -15.62
CA GLU A 50 -5.17 -8.95 -16.77
C GLU A 50 -3.89 -8.12 -16.67
N ASP A 51 -3.82 -7.18 -15.76
CA ASP A 51 -2.64 -6.33 -15.58
C ASP A 51 -1.59 -7.01 -14.70
N ILE A 52 -1.86 -8.19 -14.15
CA ILE A 52 -0.91 -8.71 -13.14
C ILE A 52 0.48 -9.07 -13.73
N ALA A 53 0.55 -9.44 -15.00
CA ALA A 53 1.84 -9.76 -15.65
C ALA A 53 2.80 -8.59 -15.53
N THR A 54 2.33 -7.37 -15.71
CA THR A 54 3.22 -6.24 -15.61
C THR A 54 3.61 -5.90 -14.18
N GLU A 55 3.08 -6.60 -13.19
CA GLU A 55 3.36 -6.26 -11.81
C GLU A 55 4.33 -7.24 -11.14
N GLY A 57 7.70 -8.66 -12.11
CA GLY A 57 9.15 -8.72 -12.26
C GLY A 57 9.43 -9.42 -13.56
N GLY A 58 10.68 -9.32 -14.03
CA GLY A 58 10.99 -9.50 -15.44
C GLY A 58 11.71 -10.77 -15.86
N GLY A 59 12.12 -11.60 -14.91
CA GLY A 59 12.82 -12.85 -15.26
C GLY A 59 11.97 -14.06 -14.94
N THR A 60 12.59 -15.12 -14.42
CA THR A 60 11.88 -16.31 -14.00
C THR A 60 11.31 -16.08 -12.63
N ILE A 61 9.99 -16.19 -12.55
CA ILE A 61 9.29 -15.90 -11.33
C ILE A 61 8.80 -17.24 -10.78
N TYR A 62 8.84 -17.38 -9.46
CA TYR A 62 8.22 -18.53 -8.79
C TYR A 62 6.83 -18.10 -8.32
N SER A 63 5.84 -18.93 -8.55
CA SER A 63 4.51 -18.61 -8.09
C SER A 63 3.78 -19.84 -7.58
N ALA A 64 2.91 -19.62 -6.60
CA ALA A 64 1.97 -20.65 -6.10
C ALA A 64 0.61 -20.01 -6.04
N ARG A 65 -0.39 -20.63 -6.69
CA ARG A 65 -1.76 -20.14 -6.67
C ARG A 65 -2.62 -21.08 -5.83
N VAL A 66 -3.53 -20.51 -5.05
CA VAL A 66 -4.62 -21.30 -4.47
C VAL A 66 -5.96 -20.66 -4.77
N ARG A 67 -6.97 -21.50 -4.96
CA ARG A 67 -8.35 -21.08 -5.12
C ARG A 67 -8.96 -21.07 -3.74
N LEU A 68 -9.70 -20.01 -3.42
CA LEU A 68 -10.52 -19.99 -2.21
C LEU A 68 -11.87 -20.62 -2.53
N THR A 69 -12.25 -21.59 -1.73
CA THR A 69 -13.49 -22.33 -1.97
C THR A 69 -14.59 -21.91 -0.96
N GLU A 70 -14.32 -20.86 -0.21
CA GLU A 70 -15.31 -20.19 0.64
C GLU A 70 -15.13 -18.71 0.42
N PRO A 71 -16.09 -17.89 0.88
CA PRO A 71 -15.96 -16.44 0.72
C PRO A 71 -14.59 -15.97 1.18
N PRO A 72 -13.92 -15.06 0.42
CA PRO A 72 -14.49 -14.36 -0.71
C PRO A 72 -14.27 -15.01 -2.07
N TYR A 73 -14.01 -16.31 -2.14
CA TYR A 73 -13.77 -17.00 -3.41
C TYR A 73 -12.63 -16.39 -4.21
N GLY A 74 -12.59 -16.70 -5.50
CA GLY A 74 -11.46 -16.28 -6.33
C GLY A 74 -10.18 -16.95 -5.99
N VAL A 75 -9.08 -16.28 -6.26
CA VAL A 75 -7.76 -16.89 -6.21
C VAL A 75 -6.79 -15.96 -5.48
N PHE A 76 -5.68 -16.55 -5.08
CA PHE A 76 -4.64 -15.88 -4.29
C PHE A 76 -3.37 -16.39 -4.92
N LEU A 77 -2.52 -15.49 -5.37
CA LEU A 77 -1.31 -15.86 -6.05
C LEU A 77 -0.12 -15.27 -5.34
N THR A 79 3.94 -14.74 -5.47
CA THR A 79 5.08 -14.73 -6.40
C THR A 79 6.35 -14.17 -5.76
N PHE A 80 7.50 -14.59 -6.30
CA PHE A 80 8.79 -14.01 -5.94
C PHE A 80 9.84 -14.31 -6.99
N GLU A 81 10.88 -13.48 -7.01
CA GLU A 81 11.99 -13.57 -7.96
C GLU A 81 13.11 -14.46 -7.44
N THR A 82 14.11 -14.67 -8.29
CA THR A 82 15.22 -15.59 -8.02
CA THR A 82 15.18 -15.61 -8.01
C THR A 82 15.99 -15.28 -6.73
N GLU A 83 16.28 -14.00 -6.47
CA GLU A 83 17.02 -13.64 -5.24
C GLU A 83 16.29 -14.21 -3.99
N THR A 84 14.99 -13.97 -3.93
CA THR A 84 14.18 -14.46 -2.81
C THR A 84 14.07 -15.99 -2.82
N ALA A 85 13.97 -16.58 -4.02
CA ALA A 85 13.87 -18.02 -4.11
C ALA A 85 15.10 -18.68 -3.50
N ALA A 86 16.28 -18.09 -3.80
CA ALA A 86 17.52 -18.55 -3.23
C ALA A 86 17.54 -18.42 -1.72
N GLU A 87 17.10 -17.29 -1.19
CA GLU A 87 17.18 -17.07 0.25
C GLU A 87 16.27 -18.08 0.97
N ILE A 88 15.08 -18.32 0.43
CA ILE A 88 14.14 -19.26 1.01
C ILE A 88 14.75 -20.65 1.03
N ALA A 89 15.16 -21.10 -0.15
CA ALA A 89 15.73 -22.43 -0.31
C ALA A 89 16.91 -22.66 0.61
N GLU A 90 17.81 -21.70 0.71
CA GLU A 90 18.98 -21.91 1.57
C GLU A 90 18.60 -21.98 3.05
N LEU A 91 17.76 -21.04 3.47
CA LEU A 91 17.35 -20.95 4.85
C LEU A 91 16.61 -22.20 5.29
N THR A 93 16.72 -25.29 4.06
CA THR A 93 17.40 -26.57 3.86
C THR A 93 18.81 -26.63 4.46
N GLY A 94 19.32 -25.54 5.02
CA GLY A 94 20.71 -25.50 5.44
C GLY A 94 21.68 -25.99 4.36
N SER A 95 21.44 -25.58 3.12
CA SER A 95 22.29 -25.99 2.00
C SER A 95 22.31 -24.85 0.98
N SER A 96 23.40 -24.72 0.24
CA SER A 96 23.61 -23.64 -0.72
C SER A 96 22.97 -24.00 -2.07
N VAL A 97 22.39 -23.00 -2.75
CA VAL A 97 21.93 -23.21 -4.12
C VAL A 97 23.02 -22.83 -5.16
N GLU A 98 24.28 -22.62 -4.72
CA GLU A 98 25.35 -22.18 -5.65
C GLU A 98 25.45 -23.07 -6.89
N ASP A 99 25.24 -24.38 -6.72
CA ASP A 99 25.37 -25.34 -7.83
C ASP A 99 24.05 -25.69 -8.53
N GLY A 100 23.00 -24.92 -8.27
CA GLY A 100 21.69 -25.16 -8.87
C GLY A 100 20.70 -25.64 -7.81
N PHE A 101 19.41 -25.42 -8.09
CA PHE A 101 18.33 -25.78 -7.16
C PHE A 101 18.05 -27.30 -7.21
N THR A 102 18.35 -28.00 -6.11
CA THR A 102 18.05 -29.42 -5.96
C THR A 102 16.60 -29.64 -5.59
N GLN A 103 16.17 -30.91 -5.55
CA GLN A 103 14.79 -31.21 -5.14
C GLN A 103 14.53 -30.76 -3.72
N LEU A 104 15.48 -30.96 -2.81
CA LEU A 104 15.34 -30.43 -1.46
C LEU A 104 14.97 -28.94 -1.57
N HIS A 105 15.67 -28.19 -2.43
CA HIS A 105 15.40 -26.75 -2.59
C HIS A 105 14.02 -26.42 -3.17
N GLU A 106 13.66 -27.05 -4.29
CA GLU A 106 12.35 -26.80 -4.91
CA GLU A 106 12.35 -26.82 -4.93
C GLU A 106 11.19 -27.14 -3.97
N SER A 107 11.31 -28.24 -3.25
CA SER A 107 10.29 -28.63 -2.28
CA SER A 107 10.30 -28.64 -2.28
C SER A 107 10.18 -27.61 -1.14
N ALA A 108 11.32 -27.02 -0.76
CA ALA A 108 11.33 -26.00 0.28
C ALA A 108 10.60 -24.74 -0.22
N LEU A 109 10.78 -24.37 -1.49
CA LEU A 109 10.06 -23.26 -2.06
C LEU A 109 8.56 -23.49 -2.01
N GLN A 110 8.14 -24.70 -2.39
CA GLN A 110 6.71 -24.97 -2.39
C GLN A 110 6.13 -24.93 -0.98
N GLU A 111 6.82 -25.54 -0.03
CA GLU A 111 6.33 -25.56 1.33
C GLU A 111 6.36 -24.17 1.98
N CYS A 113 5.87 -21.41 0.36
CA CYS A 113 4.62 -20.79 -0.12
C CYS A 113 3.39 -21.23 0.66
N ASN A 114 3.32 -22.50 1.04
CA ASN A 114 2.19 -22.97 1.81
CA ASN A 114 2.21 -23.03 1.84
C ASN A 114 2.14 -22.35 3.21
N ILE A 115 3.29 -22.20 3.84
CA ILE A 115 3.32 -21.58 5.19
C ILE A 115 2.89 -20.11 5.09
N LEU A 116 3.41 -19.39 4.11
CA LEU A 116 3.12 -17.96 3.96
C LEU A 116 1.64 -17.75 3.59
N THR A 117 1.17 -18.55 2.63
CA THR A 117 -0.19 -18.42 2.12
C THR A 117 -1.22 -18.79 3.17
N SER A 118 -1.03 -19.91 3.84
CA SER A 118 -2.03 -20.32 4.83
CA SER A 118 -1.98 -20.35 4.85
C SER A 118 -2.00 -19.38 6.03
N GLY A 119 -0.82 -18.89 6.39
CA GLY A 119 -0.70 -17.91 7.44
C GLY A 119 -1.51 -16.66 7.12
N PHE A 120 -1.40 -16.17 5.90
CA PHE A 120 -2.07 -14.93 5.55
C PHE A 120 -3.59 -15.14 5.55
N ILE A 121 -4.03 -16.22 4.93
CA ILE A 121 -5.47 -16.50 4.80
CA ILE A 121 -5.46 -16.49 4.80
C ILE A 121 -6.03 -16.84 6.17
N ASP A 122 -5.29 -17.64 6.95
CA ASP A 122 -5.75 -17.95 8.33
C ASP A 122 -5.91 -16.70 9.20
N GLY A 123 -4.99 -15.73 9.05
CA GLY A 123 -5.10 -14.45 9.75
C GLY A 123 -6.41 -13.73 9.48
N ILE A 124 -6.75 -13.66 8.21
CA ILE A 124 -8.00 -13.10 7.79
C ILE A 124 -9.20 -13.87 8.31
N ALA A 125 -9.16 -15.19 8.15
CA ALA A 125 -10.22 -16.07 8.67
C ALA A 125 -10.46 -15.85 10.18
N ASN A 126 -9.39 -15.71 10.94
CA ASN A 126 -9.50 -15.51 12.38
CA ASN A 126 -9.51 -15.54 12.38
C ASN A 126 -10.24 -14.23 12.70
N THR A 127 -9.89 -13.15 12.02
CA THR A 127 -10.55 -11.87 12.20
C THR A 127 -12.05 -11.96 11.86
N LEU A 128 -12.38 -12.69 10.80
CA LEU A 128 -13.79 -12.85 10.39
C LEU A 128 -14.56 -13.90 11.19
N ASN A 129 -13.89 -14.64 12.07
CA ASN A 129 -14.51 -15.76 12.78
CA ASN A 129 -14.48 -15.77 12.78
C ASN A 129 -15.18 -16.73 11.81
N ALA A 130 -14.49 -17.03 10.71
CA ALA A 130 -15.04 -17.93 9.70
C ALA A 130 -13.91 -18.70 9.03
N THR A 131 -14.17 -19.89 8.54
CA THR A 131 -13.14 -20.58 7.77
C THR A 131 -13.08 -20.03 6.34
N ILE A 132 -11.89 -20.08 5.77
CA ILE A 132 -11.71 -19.76 4.35
C ILE A 132 -10.92 -20.91 3.75
N ASN A 133 -11.61 -21.97 3.38
CA ASN A 133 -10.98 -23.15 2.77
C ASN A 133 -10.22 -22.79 1.49
N GLY A 135 -7.95 -24.46 -1.89
CA GLY A 135 -7.61 -25.65 -2.68
C GLY A 135 -6.10 -25.93 -2.63
N THR A 136 -5.74 -27.07 -3.21
CA THR A 136 -4.36 -27.49 -3.38
C THR A 136 -3.62 -26.45 -4.20
N PRO A 137 -2.43 -26.05 -3.73
CA PRO A 137 -1.70 -25.04 -4.46
C PRO A 137 -1.27 -25.56 -5.81
N THR A 138 -1.26 -24.69 -6.81
CA THR A 138 -0.65 -25.05 -8.08
C THR A 138 0.57 -24.14 -8.25
N VAL A 139 1.71 -24.76 -8.54
CA VAL A 139 2.99 -24.06 -8.71
C VAL A 139 3.33 -23.85 -10.19
N VAL A 140 3.76 -22.65 -10.54
CA VAL A 140 4.23 -22.36 -11.92
C VAL A 140 5.52 -21.54 -11.78
N GLN A 141 6.58 -22.01 -12.42
CA GLN A 141 7.85 -21.31 -12.44
C GLN A 141 8.17 -20.98 -13.88
N ASP A 142 8.09 -19.71 -14.22
CA ASP A 142 8.09 -19.32 -15.61
C ASP A 142 8.06 -17.81 -15.70
N ASP A 143 7.97 -17.26 -16.90
CA ASP A 143 7.89 -15.84 -17.05
C ASP A 143 6.50 -15.34 -16.62
N ALA A 144 6.40 -14.01 -16.41
CA ALA A 144 5.19 -13.34 -15.94
C ALA A 144 3.94 -13.65 -16.77
N THR A 145 4.11 -13.67 -18.09
CA THR A 145 2.99 -13.83 -19.01
C THR A 145 2.37 -15.19 -18.79
N GLU A 146 3.23 -16.20 -18.69
CA GLU A 146 2.77 -17.55 -18.52
C GLU A 146 2.11 -17.74 -17.16
N ILE A 147 2.71 -17.16 -16.13
CA ILE A 147 2.15 -17.24 -14.78
C ILE A 147 0.76 -16.62 -14.75
N ALA A 148 0.65 -15.42 -15.30
CA ALA A 148 -0.64 -14.73 -15.41
C ALA A 148 -1.66 -15.56 -16.19
N ASP A 149 -1.24 -16.12 -17.32
CA ASP A 149 -2.14 -16.94 -18.16
C ASP A 149 -2.70 -18.11 -17.35
N LYS A 150 -1.84 -18.85 -16.67
CA LYS A 150 -2.33 -19.93 -15.82
C LYS A 150 -3.13 -19.45 -14.65
N ALA A 151 -2.68 -18.40 -14.01
CA ALA A 151 -3.32 -17.90 -12.77
C ALA A 151 -4.75 -17.37 -12.96
N LEU A 152 -5.03 -16.87 -14.14
CA LEU A 152 -6.34 -16.28 -14.45
C LEU A 152 -7.31 -17.26 -15.12
N SER A 153 -6.94 -18.52 -15.18
CA SER A 153 -7.84 -19.55 -15.62
C SER A 153 -9.00 -19.59 -14.63
N HIS A 154 -10.24 -19.57 -15.13
CA HIS A 154 -11.48 -19.63 -14.31
C HIS A 154 -11.57 -18.50 -13.27
N VAL A 155 -11.30 -17.28 -13.67
CA VAL A 155 -11.33 -16.13 -12.77
C VAL A 155 -12.13 -15.05 -13.47
N ARG A 156 -13.03 -14.46 -12.70
CA ARG A 156 -13.92 -13.41 -13.15
C ARG A 156 -13.04 -12.21 -13.56
N ARG A 157 -13.14 -11.79 -14.82
CA ARG A 157 -12.26 -10.72 -15.33
CA ARG A 157 -12.28 -10.72 -15.37
C ARG A 157 -12.54 -9.34 -14.76
N ASP A 158 -13.76 -9.09 -14.30
CA ASP A 158 -14.09 -7.80 -13.70
C ASP A 158 -13.80 -7.80 -12.19
N SER A 159 -12.99 -8.72 -11.69
CA SER A 159 -12.61 -8.71 -10.28
C SER A 159 -11.71 -7.50 -9.98
N LEU A 160 -11.75 -7.02 -8.75
CA LEU A 160 -10.68 -6.17 -8.23
C LEU A 160 -9.48 -7.05 -7.83
N THR A 161 -8.30 -6.69 -8.30
CA THR A 161 -7.05 -7.31 -7.89
C THR A 161 -6.33 -6.37 -6.93
N ILE A 162 -6.00 -6.90 -5.76
CA ILE A 162 -5.18 -6.18 -4.78
C ILE A 162 -3.75 -6.68 -4.85
N VAL A 163 -2.82 -5.81 -5.18
CA VAL A 163 -1.43 -6.17 -5.27
C VAL A 163 -0.78 -5.81 -3.94
N LEU A 164 -0.20 -6.80 -3.29
CA LEU A 164 0.50 -6.61 -2.02
C LEU A 164 2.00 -6.81 -2.20
N ASP A 165 2.76 -5.94 -1.58
CA ASP A 165 4.19 -6.16 -1.42
C ASP A 165 4.48 -6.54 0.01
N SER A 166 5.26 -7.60 0.16
CA SER A 166 5.59 -8.13 1.46
C SER A 166 7.09 -8.28 1.61
N LEU A 167 7.58 -7.91 2.79
CA LEU A 167 8.98 -8.10 3.18
C LEU A 167 8.96 -9.03 4.40
N VAL A 168 9.67 -10.15 4.32
CA VAL A 168 9.88 -11.01 5.48
C VAL A 168 11.32 -10.82 5.93
N ASP A 169 11.48 -10.16 7.07
CA ASP A 169 12.78 -9.74 7.59
C ASP A 169 13.14 -10.63 8.79
N ILE A 170 14.08 -11.54 8.59
CA ILE A 170 14.45 -12.51 9.63
C ILE A 170 15.22 -11.79 10.74
N LYS A 171 14.80 -11.99 11.98
CA LYS A 171 15.41 -11.29 13.13
C LYS A 171 16.80 -11.81 13.37
N GLU A 172 17.70 -10.92 13.79
CA GLU A 172 19.07 -11.32 14.13
C GLU A 172 19.71 -12.03 12.92
N SER A 173 19.44 -11.50 11.72
CA SER A 173 19.94 -12.09 10.47
C SER A 173 19.79 -11.06 9.35
N ASP A 174 20.65 -11.17 8.35
CA ASP A 174 20.56 -10.29 7.16
C ASP A 174 19.68 -10.89 6.06
N VAL A 175 19.12 -12.08 6.29
CA VAL A 175 18.20 -12.69 5.35
C VAL A 175 16.88 -11.89 5.33
N ALA A 176 16.39 -11.57 4.13
CA ALA A 176 15.03 -11.02 3.93
C ALA A 176 14.39 -11.71 2.71
N PHE A 177 13.05 -11.86 2.71
CA PHE A 177 12.30 -12.37 1.55
C PHE A 177 11.42 -11.25 1.07
N SER A 178 11.41 -11.01 -0.24
CA SER A 178 10.54 -10.02 -0.87
CA SER A 178 10.50 -10.02 -0.85
C SER A 178 9.49 -10.81 -1.66
N LEU A 179 8.21 -10.59 -1.38
CA LEU A 179 7.14 -11.32 -2.03
C LEU A 179 6.20 -10.31 -2.66
N ARG A 180 5.56 -10.71 -3.76
CA ARG A 180 4.47 -9.94 -4.32
C ARG A 180 3.27 -10.86 -4.37
N ILE A 181 2.18 -10.45 -3.72
CA ILE A 181 0.95 -11.24 -3.54
C ILE A 181 -0.21 -10.57 -4.31
N PHE A 182 -1.03 -11.37 -4.98
CA PHE A 182 -2.16 -10.88 -5.75
C PHE A 182 -3.41 -11.47 -5.16
N LEU A 183 -4.25 -10.64 -4.57
CA LEU A 183 -5.56 -11.14 -4.11
C LEU A 183 -6.60 -10.87 -5.17
N ILE A 184 -7.24 -11.92 -5.64
CA ILE A 184 -8.24 -11.79 -6.69
C ILE A 184 -9.54 -12.43 -6.26
N PRO A 185 -10.19 -11.85 -5.24
CA PRO A 185 -11.45 -12.43 -4.80
C PRO A 185 -12.60 -12.15 -5.72
N ASP A 186 -13.71 -12.86 -5.55
CA ASP A 186 -14.93 -12.46 -6.27
C ASP A 186 -15.30 -11.09 -5.70
N PRO A 187 -15.57 -10.09 -6.57
CA PRO A 187 -15.76 -8.75 -6.01
C PRO A 187 -17.00 -8.56 -5.15
N GLY A 188 -18.07 -9.24 -5.50
CA GLY A 188 -19.28 -9.18 -4.71
C GLY A 188 -19.11 -9.89 -3.38
N SER A 189 -18.52 -11.07 -3.39
CA SER A 189 -18.25 -11.79 -2.13
C SER A 189 -17.30 -11.00 -1.21
N PHE A 190 -16.35 -10.30 -1.83
CA PHE A 190 -15.41 -9.44 -1.10
C PHE A 190 -16.11 -8.27 -0.44
N VAL A 191 -16.98 -7.60 -1.17
CA VAL A 191 -17.82 -6.53 -0.61
C VAL A 191 -18.59 -7.08 0.60
N HIS A 192 -19.15 -8.26 0.45
CA HIS A 192 -19.99 -8.80 1.50
C HIS A 192 -19.19 -9.16 2.73
N LEU A 193 -17.98 -9.62 2.52
CA LEU A 193 -17.04 -9.97 3.57
C LEU A 193 -16.65 -8.72 4.36
N ILE A 194 -16.35 -7.64 3.65
CA ILE A 194 -16.00 -6.41 4.32
CA ILE A 194 -16.02 -6.37 4.29
C ILE A 194 -17.24 -5.90 5.07
N ASP A 195 -18.40 -5.97 4.45
CA ASP A 195 -19.63 -5.57 5.17
C ASP A 195 -19.88 -6.39 6.46
N GLN A 196 -19.56 -7.66 6.41
CA GLN A 196 -19.74 -8.52 7.56
C GLN A 196 -18.82 -8.05 8.69
N LEU A 197 -17.55 -7.79 8.37
CA LEU A 197 -16.61 -7.29 9.39
C LEU A 197 -17.04 -5.95 9.93
N ASP A 198 -17.55 -5.08 9.05
CA ASP A 198 -18.05 -3.79 9.51
C ASP A 198 -19.25 -3.98 10.49
N TYR A 199 -20.14 -4.90 10.19
CA TYR A 199 -21.30 -5.18 11.09
C TYR A 199 -20.80 -5.69 12.44
N ASP A 200 -19.88 -6.64 12.41
CA ASP A 200 -19.35 -7.15 13.67
C ASP A 200 -18.66 -6.08 14.49
N THR A 201 -18.02 -5.15 13.82
CA THR A 201 -17.31 -4.08 14.47
C THR A 201 -18.31 -3.04 14.99
N ASP A 202 -19.31 -2.69 14.20
CA ASP A 202 -20.37 -1.80 14.70
C ASP A 202 -21.04 -2.34 15.98
N ARG A 203 -21.24 -3.64 16.04
CA ARG A 203 -21.91 -4.27 17.16
C ARG A 203 -21.14 -4.19 18.46
N GLU A 204 -19.82 -3.97 18.38
CA GLU A 204 -19.03 -3.74 19.59
CA GLU A 204 -18.98 -3.68 19.56
C GLU A 204 -19.48 -2.48 20.34
N THR A 205 -20.23 -1.60 19.68
CA THR A 205 -20.85 -0.45 20.38
C THR A 205 -22.07 -0.85 21.28
N HIS A 206 -22.51 -2.12 21.18
CA HIS A 206 -23.61 -2.65 22.01
C HIS A 206 -23.10 -3.23 23.32
N ILE A 207 -21.86 -3.74 23.33
CA ILE A 207 -21.21 -4.31 24.55
C ILE A 207 -21.31 -3.32 25.72
N GLY B 1 -27.05 8.71 8.47
CA GLY B 1 -26.14 9.11 7.35
C GLY B 1 -26.56 8.36 6.09
N PRO B 3 -25.53 6.36 2.75
CA PRO B 3 -24.36 5.65 2.30
C PRO B 3 -23.61 6.41 1.21
N LEU B 4 -22.29 6.36 1.26
CA LEU B 4 -21.41 7.03 0.30
C LEU B 4 -20.71 5.91 -0.49
N LEU B 5 -21.29 5.54 -1.61
CA LEU B 5 -21.00 4.23 -2.23
C LEU B 5 -19.99 4.33 -3.37
N ILE B 6 -19.07 3.36 -3.41
CA ILE B 6 -18.13 3.20 -4.52
C ILE B 6 -18.25 1.76 -5.05
N ASP B 7 -18.24 1.61 -6.37
CA ASP B 7 -18.14 0.35 -7.00
C ASP B 7 -16.76 -0.29 -6.63
N ILE B 8 -16.76 -1.46 -6.04
CA ILE B 8 -15.50 -2.08 -5.55
C ILE B 8 -14.48 -2.20 -6.70
N ARG B 9 -14.96 -2.38 -7.93
CA ARG B 9 -14.08 -2.48 -9.10
C ARG B 9 -13.32 -1.19 -9.38
N LYS B 10 -13.89 -0.05 -8.98
CA LYS B 10 -13.28 1.23 -9.25
C LYS B 10 -12.23 1.65 -8.25
N LEU B 11 -11.89 0.81 -7.28
CA LEU B 11 -10.67 1.03 -6.51
C LEU B 11 -9.45 1.17 -7.43
N THR B 12 -9.51 0.58 -8.62
CA THR B 12 -8.43 0.71 -9.55
C THR B 12 -8.26 2.18 -9.97
N LEU B 13 -9.36 2.94 -9.95
CA LEU B 13 -9.28 4.32 -10.29
C LEU B 13 -8.56 5.12 -9.23
N ILE B 14 -8.60 4.69 -7.97
CA ILE B 14 -7.83 5.35 -6.91
C ILE B 14 -6.32 5.20 -7.17
N THR B 15 -5.88 4.00 -7.52
CA THR B 15 -4.49 3.77 -7.93
C THR B 15 -4.10 4.66 -9.12
N ARG B 16 -4.97 4.73 -10.12
CA ARG B 16 -4.67 5.53 -11.31
C ARG B 16 -4.57 7.02 -11.00
N LEU B 17 -5.47 7.54 -10.15
CA LEU B 17 -5.45 8.94 -9.77
C LEU B 17 -4.16 9.27 -9.02
N ILE B 18 -3.77 8.41 -8.08
CA ILE B 18 -2.58 8.64 -7.31
C ILE B 18 -1.36 8.61 -8.25
N GLN B 19 -1.33 7.70 -9.22
CA GLN B 19 -0.27 7.72 -10.22
C GLN B 19 -0.26 9.02 -11.08
N ASP B 20 -1.43 9.55 -11.45
CA ASP B 20 -1.46 10.87 -12.11
C ASP B 20 -0.87 11.97 -11.22
N GLY B 21 -1.13 11.89 -9.92
CA GLY B 21 -0.50 12.82 -8.93
C GLY B 21 1.03 12.73 -9.00
N ALA B 22 1.54 11.50 -8.90
CA ALA B 22 2.98 11.23 -9.01
C ALA B 22 3.61 11.78 -10.28
N GLU B 23 2.96 11.55 -11.42
CA GLU B 23 3.46 12.04 -12.69
C GLU B 23 3.56 13.54 -12.74
N GLN B 24 2.55 14.22 -12.23
CA GLN B 24 2.57 15.67 -12.18
C GLN B 24 3.64 16.20 -11.22
N VAL B 25 3.84 15.54 -10.06
CA VAL B 25 4.92 15.93 -9.19
C VAL B 25 6.23 15.88 -9.98
N ALA B 26 6.43 14.85 -10.79
CA ALA B 26 7.71 14.68 -11.45
C ALA B 26 7.90 15.77 -12.52
N ASP B 27 6.84 16.09 -13.26
CA ASP B 27 6.91 17.13 -14.29
CA ASP B 27 6.88 17.14 -14.28
C ASP B 27 7.12 18.50 -13.64
N SER B 28 6.43 18.76 -12.54
CA SER B 28 6.59 20.02 -11.84
C SER B 28 7.97 20.17 -11.19
N LEU B 29 8.54 19.10 -10.66
CA LEU B 29 9.90 19.18 -10.16
C LEU B 29 10.84 19.60 -11.30
N ALA B 30 10.61 19.13 -12.51
CA ALA B 30 11.47 19.51 -13.64
C ALA B 30 11.20 20.97 -14.02
N THR B 31 9.93 21.32 -14.25
CA THR B 31 9.59 22.67 -14.68
C THR B 31 9.93 23.77 -13.64
N LEU B 32 9.53 23.55 -12.39
CA LEU B 32 9.62 24.60 -11.39
C LEU B 32 10.86 24.55 -10.52
N ALA B 33 11.52 23.39 -10.40
CA ALA B 33 12.69 23.28 -9.54
C ALA B 33 13.94 22.89 -10.32
N GLY B 34 13.80 22.54 -11.60
CA GLY B 34 14.92 22.05 -12.40
C GLY B 34 15.49 20.77 -11.82
N VAL B 35 14.65 19.92 -11.23
CA VAL B 35 15.10 18.68 -10.63
C VAL B 35 14.51 17.53 -11.42
N ASP B 36 15.38 16.60 -11.84
CA ASP B 36 14.99 15.50 -12.67
C ASP B 36 14.81 14.31 -11.73
N ALA B 37 13.58 13.82 -11.56
CA ALA B 37 13.31 12.76 -10.59
C ALA B 37 12.20 11.81 -11.05
N ALA B 38 12.24 10.57 -10.55
CA ALA B 38 11.11 9.64 -10.67
C ALA B 38 10.35 9.73 -9.35
N VAL B 39 9.03 9.78 -9.40
CA VAL B 39 8.22 9.80 -8.20
C VAL B 39 7.43 8.51 -8.16
N GLU B 40 7.71 7.68 -7.18
CA GLU B 40 7.15 6.35 -7.13
C GLU B 40 6.24 6.18 -5.93
N ILE B 41 5.11 5.55 -6.15
CA ILE B 41 4.18 5.15 -5.08
C ILE B 41 4.55 3.75 -4.54
N LYS B 42 5.04 3.69 -3.31
CA LYS B 42 5.43 2.41 -2.66
C LYS B 42 4.28 1.65 -2.00
N SER B 43 3.23 2.36 -1.59
CA SER B 43 2.09 1.71 -0.91
C SER B 43 0.95 2.68 -0.91
N LEU B 44 -0.26 2.13 -0.86
CA LEU B 44 -1.49 2.92 -0.83
C LEU B 44 -2.44 2.17 0.08
N SER B 45 -2.71 2.74 1.26
CA SER B 45 -3.45 2.10 2.35
CA SER B 45 -3.52 2.07 2.29
C SER B 45 -4.62 2.96 2.84
N PHE B 46 -5.49 2.37 3.65
CA PHE B 46 -6.68 3.07 4.11
C PHE B 46 -6.75 3.02 5.61
N VAL B 47 -6.84 4.18 6.25
CA VAL B 47 -6.88 4.27 7.71
C VAL B 47 -7.95 5.29 8.19
N GLN B 48 -8.35 5.18 9.44
CA GLN B 48 -9.23 6.16 10.06
C GLN B 48 -8.42 7.37 10.48
N PRO B 49 -9.01 8.57 10.39
CA PRO B 49 -8.34 9.83 10.75
C PRO B 49 -7.73 9.77 12.14
N GLU B 50 -8.43 9.10 13.06
CA GLU B 50 -7.95 9.03 14.44
CA GLU B 50 -7.95 9.01 14.45
C GLU B 50 -6.60 8.30 14.52
N ASP B 51 -6.30 7.45 13.53
CA ASP B 51 -5.06 6.66 13.56
C ASP B 51 -3.87 7.23 12.80
N ILE B 52 -3.94 8.46 12.31
CA ILE B 52 -2.85 8.93 11.45
C ILE B 52 -1.55 9.16 12.23
N ALA B 53 -1.63 9.50 13.51
CA ALA B 53 -0.41 9.74 14.32
C ALA B 53 0.47 8.49 14.35
N THR B 54 -0.15 7.33 14.38
CA THR B 54 0.61 6.09 14.45
C THR B 54 1.31 5.78 13.09
N GLU B 55 0.79 6.30 11.97
CA GLU B 55 1.45 6.15 10.66
C GLU B 55 2.62 7.11 10.45
N GLY B 57 5.06 7.90 13.02
CA GLY B 57 6.30 7.59 13.74
C GLY B 57 6.84 8.75 14.57
N GLY B 58 7.74 8.43 15.49
CA GLY B 58 7.93 9.22 16.69
C GLY B 58 8.97 10.31 16.62
N GLY B 59 9.12 11.00 17.74
CA GLY B 59 10.00 12.16 17.82
C GLY B 59 9.43 13.28 16.96
N THR B 60 10.29 14.25 16.69
CA THR B 60 9.89 15.40 15.90
CA THR B 60 9.91 15.40 15.91
C THR B 60 10.02 15.05 14.41
N ILE B 61 8.98 15.38 13.65
CA ILE B 61 8.96 15.18 12.20
C ILE B 61 8.56 16.50 11.54
N TYR B 62 8.74 16.56 10.22
CA TYR B 62 8.23 17.70 9.41
C TYR B 62 6.90 17.35 8.76
N SER B 63 6.07 18.38 8.55
CA SER B 63 4.76 18.21 7.98
C SER B 63 4.47 19.39 7.09
N ALA B 64 3.80 19.12 5.96
CA ALA B 64 3.23 20.16 5.12
C ALA B 64 1.75 19.83 4.96
N ARG B 65 0.88 20.77 5.29
CA ARG B 65 -0.56 20.53 5.23
C ARG B 65 -1.33 21.65 4.58
N VAL B 66 -2.42 21.28 3.94
CA VAL B 66 -3.35 22.25 3.43
C VAL B 66 -4.77 21.72 3.53
N ARG B 67 -5.68 22.63 3.79
CA ARG B 67 -7.10 22.34 3.76
C ARG B 67 -7.71 22.95 2.52
N LEU B 68 -8.45 22.16 1.76
CA LEU B 68 -9.18 22.67 0.60
C LEU B 68 -10.51 23.22 1.05
N THR B 69 -10.85 24.40 0.55
CA THR B 69 -12.23 24.95 0.66
C THR B 69 -13.13 24.72 -0.59
N GLU B 70 -12.67 23.88 -1.55
CA GLU B 70 -13.43 23.48 -2.77
C GLU B 70 -13.50 21.94 -2.93
N PRO B 71 -14.46 21.43 -3.73
CA PRO B 71 -14.51 19.96 -3.97
C PRO B 71 -13.18 19.36 -4.47
N PRO B 72 -12.76 18.19 -3.94
CA PRO B 72 -13.41 17.31 -2.95
C PRO B 72 -13.26 17.72 -1.46
N TYR B 73 -12.95 19.00 -1.19
CA TYR B 73 -12.73 19.50 0.18
C TYR B 73 -11.69 18.68 0.94
N GLY B 74 -11.63 18.86 2.24
CA GLY B 74 -10.80 18.01 3.08
C GLY B 74 -9.36 18.50 3.18
N VAL B 75 -8.48 17.57 3.47
CA VAL B 75 -7.17 17.86 3.99
C VAL B 75 -6.14 17.01 3.25
N PHE B 76 -5.01 17.63 2.97
CA PHE B 76 -3.86 16.98 2.42
C PHE B 76 -2.74 17.24 3.43
N LEU B 77 -2.08 16.18 3.86
CA LEU B 77 -0.98 16.25 4.82
C LEU B 77 0.18 15.39 4.35
N THR B 79 4.07 14.14 5.51
CA THR B 79 5.03 14.09 6.62
C THR B 79 6.35 13.50 6.14
N PHE B 80 7.46 13.96 6.73
CA PHE B 80 8.78 13.47 6.39
C PHE B 80 9.75 13.71 7.54
N GLU B 81 10.85 12.95 7.55
CA GLU B 81 11.80 13.03 8.65
C GLU B 81 12.65 14.31 8.55
N THR B 82 13.20 14.72 9.68
CA THR B 82 14.13 15.83 9.79
C THR B 82 15.21 15.68 8.75
N GLU B 83 15.74 14.48 8.64
CA GLU B 83 16.84 14.18 7.74
C GLU B 83 16.43 14.39 6.29
N THR B 84 15.20 14.04 5.95
CA THR B 84 14.69 14.29 4.61
C THR B 84 14.56 15.80 4.34
N ALA B 85 14.10 16.54 5.34
CA ALA B 85 14.02 17.99 5.19
C ALA B 85 15.39 18.56 4.91
N ALA B 86 16.41 18.06 5.58
CA ALA B 86 17.79 18.54 5.34
C ALA B 86 18.24 18.22 3.92
N GLU B 87 17.95 17.01 3.44
CA GLU B 87 18.30 16.62 2.08
C GLU B 87 17.61 17.45 1.00
N ILE B 88 16.33 17.75 1.21
CA ILE B 88 15.61 18.65 0.30
C ILE B 88 16.29 20.02 0.25
N ALA B 89 16.50 20.63 1.42
CA ALA B 89 17.13 21.94 1.53
C ALA B 89 18.50 21.98 0.86
N GLU B 90 19.30 20.95 1.09
CA GLU B 90 20.66 20.91 0.50
C GLU B 90 20.61 20.75 -1.01
N LEU B 91 19.72 19.92 -1.52
CA LEU B 91 19.57 19.74 -2.96
C LEU B 91 19.18 21.07 -3.62
N THR B 93 19.38 24.30 -2.34
CA THR B 93 20.20 25.49 -2.12
C THR B 93 21.64 25.28 -2.51
N GLY B 94 22.03 24.00 -2.62
CA GLY B 94 23.40 23.61 -2.85
C GLY B 94 24.31 23.79 -1.65
N SER B 95 23.77 24.10 -0.47
CA SER B 95 24.61 24.19 0.73
C SER B 95 24.09 23.27 1.83
N SER B 96 25.04 22.61 2.47
CA SER B 96 24.80 21.69 3.55
C SER B 96 24.10 22.42 4.70
N VAL B 97 23.36 21.70 5.52
CA VAL B 97 22.80 22.26 6.75
C VAL B 97 23.69 22.02 7.96
N GLU B 98 24.95 21.63 7.77
CA GLU B 98 25.83 21.36 8.91
C GLU B 98 26.17 22.67 9.64
N ASP B 99 26.14 23.80 8.95
CA ASP B 99 26.32 25.10 9.58
C ASP B 99 24.97 25.75 10.01
N GLY B 100 23.94 24.94 10.13
CA GLY B 100 22.61 25.40 10.48
C GLY B 100 21.60 25.16 9.38
N PHE B 101 20.36 24.87 9.79
CA PHE B 101 19.21 24.89 8.89
C PHE B 101 18.75 26.35 8.86
N THR B 102 19.25 27.13 7.89
CA THR B 102 19.06 28.58 7.89
C THR B 102 17.70 29.02 7.34
N GLN B 103 17.44 30.32 7.36
CA GLN B 103 16.23 30.85 6.70
C GLN B 103 16.21 30.56 5.19
N LEU B 104 17.38 30.55 4.57
CA LEU B 104 17.48 30.18 3.18
C LEU B 104 16.98 28.75 2.97
N HIS B 105 17.45 27.82 3.82
CA HIS B 105 17.05 26.43 3.78
C HIS B 105 15.54 26.31 4.03
N GLU B 106 15.00 27.01 5.03
CA GLU B 106 13.57 27.06 5.27
C GLU B 106 12.76 27.51 4.03
N SER B 107 13.19 28.60 3.37
CA SER B 107 12.55 29.05 2.15
C SER B 107 12.58 27.98 1.06
N ALA B 108 13.73 27.35 0.86
CA ALA B 108 13.90 26.29 -0.12
C ALA B 108 12.98 25.10 0.17
N LEU B 109 12.89 24.70 1.45
CA LEU B 109 11.95 23.64 1.83
C LEU B 109 10.50 24.04 1.54
N GLN B 110 10.15 25.29 1.84
CA GLN B 110 8.81 25.75 1.57
C GLN B 110 8.52 25.62 0.11
N GLU B 111 9.46 26.09 -0.70
CA GLU B 111 9.30 26.03 -2.16
C GLU B 111 9.13 24.58 -2.66
N CYS B 113 7.98 22.05 -0.82
CA CYS B 113 6.70 21.56 -0.35
C CYS B 113 5.58 22.12 -1.19
N ASN B 114 5.73 23.37 -1.65
CA ASN B 114 4.79 23.98 -2.57
C ASN B 114 4.69 23.12 -3.85
N ILE B 115 5.84 22.70 -4.38
CA ILE B 115 5.86 21.94 -5.64
C ILE B 115 5.25 20.52 -5.50
N LEU B 116 5.62 19.85 -4.42
CA LEU B 116 5.16 18.50 -4.16
C LEU B 116 3.64 18.47 -3.93
N THR B 117 3.17 19.41 -3.10
CA THR B 117 1.75 19.48 -2.72
C THR B 117 0.87 19.78 -3.93
N SER B 118 1.18 20.88 -4.59
CA SER B 118 0.37 21.28 -5.71
C SER B 118 0.52 20.30 -6.85
N GLY B 119 1.72 19.75 -7.04
CA GLY B 119 1.93 18.72 -8.02
C GLY B 119 0.99 17.56 -7.80
N PHE B 120 0.89 17.08 -6.57
CA PHE B 120 0.08 15.93 -6.32
CA PHE B 120 0.06 15.90 -6.26
C PHE B 120 -1.43 16.22 -6.42
N ILE B 121 -1.87 17.28 -5.73
CA ILE B 121 -3.24 17.65 -5.70
C ILE B 121 -3.71 18.01 -7.12
N ASP B 122 -2.94 18.81 -7.85
CA ASP B 122 -3.38 19.23 -9.17
C ASP B 122 -3.38 18.10 -10.21
N GLY B 123 -2.45 17.14 -10.06
CA GLY B 123 -2.41 15.96 -10.92
C GLY B 123 -3.71 15.18 -10.76
N ILE B 124 -4.15 14.96 -9.53
CA ILE B 124 -5.40 14.25 -9.25
C ILE B 124 -6.59 15.10 -9.70
N ALA B 125 -6.55 16.39 -9.38
CA ALA B 125 -7.62 17.31 -9.72
C ALA B 125 -7.85 17.41 -11.23
N ASN B 126 -6.80 17.52 -12.02
CA ASN B 126 -6.94 17.61 -13.48
CA ASN B 126 -6.93 17.60 -13.48
C ASN B 126 -7.71 16.43 -14.09
N THR B 127 -7.42 15.22 -13.60
CA THR B 127 -8.06 14.00 -14.09
C THR B 127 -9.53 13.98 -13.70
N LEU B 128 -9.80 14.34 -12.46
CA LEU B 128 -11.17 14.51 -11.97
C LEU B 128 -11.88 15.76 -12.53
N ASN B 129 -11.26 16.48 -13.46
CA ASN B 129 -11.73 17.80 -13.91
C ASN B 129 -12.29 18.75 -12.80
N ALA B 130 -11.64 18.73 -11.61
CA ALA B 130 -11.96 19.63 -10.52
C ALA B 130 -10.89 20.71 -10.50
N THR B 131 -11.26 21.98 -10.30
CA THR B 131 -10.26 23.04 -10.02
C THR B 131 -10.22 23.27 -8.51
N ILE B 132 -9.02 23.47 -7.98
CA ILE B 132 -8.88 23.56 -6.54
C ILE B 132 -8.23 24.87 -6.20
N ASN B 133 -8.88 25.58 -5.30
CA ASN B 133 -8.41 26.85 -4.80
C ASN B 133 -7.88 26.56 -3.43
N GLY B 135 -4.47 27.57 -0.40
CA GLY B 135 -3.29 28.28 0.07
C GLY B 135 -2.04 27.44 -0.07
N THR B 136 -0.89 28.09 0.02
CA THR B 136 0.38 27.35 0.14
C THR B 136 0.29 26.45 1.37
N PRO B 137 0.94 25.30 1.33
CA PRO B 137 0.91 24.43 2.51
C PRO B 137 1.66 25.03 3.69
N THR B 138 1.14 24.77 4.89
CA THR B 138 1.77 25.20 6.13
C THR B 138 2.78 24.12 6.53
N VAL B 139 4.04 24.52 6.66
CA VAL B 139 5.13 23.62 6.95
C VAL B 139 5.52 23.80 8.40
N VAL B 140 5.55 22.72 9.16
CA VAL B 140 5.92 22.85 10.57
C VAL B 140 6.69 21.62 10.98
N GLN B 141 7.61 21.79 11.91
CA GLN B 141 8.32 20.69 12.50
C GLN B 141 7.74 20.54 13.90
N ASP B 142 7.23 19.35 14.22
CA ASP B 142 6.65 19.09 15.55
C ASP B 142 6.47 17.58 15.79
N ASP B 143 5.97 17.22 16.96
CA ASP B 143 5.66 15.83 17.30
CA ASP B 143 5.74 15.78 17.19
C ASP B 143 4.48 15.35 16.46
N ALA B 144 4.40 14.07 16.16
CA ALA B 144 3.28 13.53 15.39
C ALA B 144 1.91 13.86 16.01
N THR B 145 1.82 13.80 17.34
CA THR B 145 0.54 14.10 18.02
C THR B 145 0.05 15.52 17.76
N GLU B 146 0.94 16.49 17.88
CA GLU B 146 0.59 17.89 17.58
CA GLU B 146 0.60 17.88 17.59
C GLU B 146 0.22 18.04 16.11
N ILE B 147 1.00 17.45 15.21
CA ILE B 147 0.72 17.57 13.77
C ILE B 147 -0.65 16.93 13.46
N ALA B 148 -0.86 15.71 13.92
CA ALA B 148 -2.16 15.06 13.75
C ALA B 148 -3.32 15.91 14.29
N ASP B 149 -3.17 16.50 15.47
CA ASP B 149 -4.27 17.28 16.05
C ASP B 149 -4.57 18.54 15.22
N LYS B 150 -3.54 19.18 14.67
CA LYS B 150 -3.75 20.33 13.81
C LYS B 150 -4.37 19.96 12.45
N ALA B 151 -3.85 18.92 11.81
CA ALA B 151 -4.38 18.51 10.50
C ALA B 151 -5.84 18.01 10.63
N LEU B 152 -6.18 17.38 11.75
CA LEU B 152 -7.50 16.82 11.96
C LEU B 152 -8.57 17.80 12.42
N SER B 153 -8.23 19.08 12.61
CA SER B 153 -9.28 20.03 13.02
C SER B 153 -10.23 20.18 11.82
N HIS B 154 -11.53 20.21 12.11
CA HIS B 154 -12.57 20.27 11.08
C HIS B 154 -12.50 19.08 10.07
N VAL B 155 -12.05 17.91 10.52
CA VAL B 155 -12.13 16.66 9.73
C VAL B 155 -13.03 15.67 10.45
N ARG B 156 -13.99 15.07 9.76
CA ARG B 156 -14.88 14.10 10.38
C ARG B 156 -14.19 12.78 10.75
N ARG B 157 -14.43 12.30 11.97
CA ARG B 157 -13.78 11.07 12.46
C ARG B 157 -14.05 9.82 11.61
N ASP B 158 -15.16 9.81 10.85
CA ASP B 158 -15.47 8.66 9.98
C ASP B 158 -15.05 8.80 8.50
N SER B 159 -14.34 9.86 8.12
CA SER B 159 -13.79 9.98 6.74
C SER B 159 -12.77 8.90 6.44
N LEU B 160 -12.57 8.61 5.16
CA LEU B 160 -11.51 7.75 4.71
C LEU B 160 -10.21 8.56 4.58
N THR B 161 -9.13 8.06 5.16
CA THR B 161 -7.80 8.57 4.90
C THR B 161 -7.09 7.60 3.98
N ILE B 162 -6.61 8.11 2.86
CA ILE B 162 -5.73 7.38 1.96
C ILE B 162 -4.32 7.74 2.32
N VAL B 163 -3.52 6.74 2.68
CA VAL B 163 -2.16 6.97 3.06
C VAL B 163 -1.24 6.40 1.97
N LEU B 164 -0.31 7.23 1.49
CA LEU B 164 0.67 6.83 0.46
C LEU B 164 2.04 6.97 0.98
N ASP B 165 2.86 5.99 0.67
CA ASP B 165 4.29 6.07 0.84
CA ASP B 165 4.30 6.04 0.88
C ASP B 165 4.82 6.36 -0.51
N SER B 166 5.50 7.48 -0.64
CA SER B 166 6.07 7.89 -1.91
CA SER B 166 6.06 7.94 -1.91
C SER B 166 7.57 8.11 -1.80
N LEU B 167 8.28 7.85 -2.88
CA LEU B 167 9.73 8.07 -2.93
C LEU B 167 10.05 8.95 -4.14
N VAL B 168 10.75 10.05 -3.88
CA VAL B 168 11.21 10.92 -4.91
C VAL B 168 12.66 10.58 -5.09
N ASP B 169 12.96 9.99 -6.23
CA ASP B 169 14.27 9.43 -6.49
C ASP B 169 14.93 10.28 -7.57
N ILE B 170 15.98 11.01 -7.20
CA ILE B 170 16.62 11.97 -8.11
C ILE B 170 17.48 11.20 -9.13
N LYS B 171 17.32 11.50 -10.41
CA LYS B 171 18.07 10.80 -11.43
C LYS B 171 19.56 11.18 -11.39
N GLU B 172 20.41 10.24 -11.78
CA GLU B 172 21.87 10.42 -11.73
C GLU B 172 22.35 10.99 -10.39
N SER B 173 21.86 10.38 -9.32
CA SER B 173 22.10 10.84 -7.95
C SER B 173 21.63 9.75 -7.02
N ASP B 174 22.20 9.71 -5.82
CA ASP B 174 21.76 8.76 -4.80
C ASP B 174 20.84 9.43 -3.77
N VAL B 175 20.54 10.70 -3.98
CA VAL B 175 19.55 11.38 -3.19
C VAL B 175 18.15 10.86 -3.54
N ALA B 176 17.36 10.61 -2.49
CA ALA B 176 15.96 10.23 -2.61
C ALA B 176 15.21 10.66 -1.32
N PHE B 177 14.02 11.25 -1.47
CA PHE B 177 13.19 11.68 -0.32
C PHE B 177 12.02 10.69 -0.14
N SER B 178 11.84 10.21 1.08
CA SER B 178 10.72 9.40 1.48
C SER B 178 9.63 10.33 2.08
N LEU B 179 8.44 10.33 1.50
CA LEU B 179 7.38 11.22 1.95
C LEU B 179 6.16 10.36 2.23
N ARG B 180 5.46 10.62 3.31
CA ARG B 180 4.25 9.91 3.58
C ARG B 180 3.11 10.87 3.42
N ILE B 181 2.15 10.56 2.56
CA ILE B 181 1.06 11.49 2.22
C ILE B 181 -0.27 10.95 2.70
N PHE B 182 -1.04 11.83 3.34
CA PHE B 182 -2.36 11.53 3.85
C PHE B 182 -3.38 12.36 3.09
N LEU B 183 -4.30 11.74 2.39
CA LEU B 183 -5.36 12.44 1.70
C LEU B 183 -6.63 12.15 2.48
N ILE B 184 -7.30 13.18 2.97
CA ILE B 184 -8.56 13.04 3.63
C ILE B 184 -9.61 13.88 2.92
N PRO B 185 -10.10 13.39 1.77
CA PRO B 185 -11.15 14.14 1.09
C PRO B 185 -12.47 14.08 1.84
N ASP B 186 -13.33 15.04 1.56
CA ASP B 186 -14.73 14.89 1.96
C ASP B 186 -15.24 13.65 1.22
N PRO B 187 -15.70 12.65 1.98
CA PRO B 187 -15.99 11.40 1.33
C PRO B 187 -17.17 11.49 0.37
N GLY B 188 -18.18 12.27 0.71
CA GLY B 188 -19.31 12.52 -0.19
C GLY B 188 -18.86 13.04 -1.55
N SER B 189 -18.02 14.05 -1.48
CA SER B 189 -17.51 14.71 -2.64
C SER B 189 -16.64 13.73 -3.45
N PHE B 190 -15.84 12.93 -2.76
CA PHE B 190 -14.98 11.99 -3.43
C PHE B 190 -15.75 10.88 -4.18
N VAL B 191 -16.78 10.30 -3.55
CA VAL B 191 -17.55 9.25 -4.23
C VAL B 191 -18.27 9.78 -5.47
N HIS B 192 -18.74 11.01 -5.42
CA HIS B 192 -19.41 11.59 -6.56
C HIS B 192 -18.42 11.72 -7.76
N LEU B 193 -17.21 12.18 -7.49
CA LEU B 193 -16.20 12.34 -8.53
C LEU B 193 -15.71 11.01 -9.13
N ILE B 194 -15.55 9.99 -8.29
CA ILE B 194 -15.19 8.64 -8.76
C ILE B 194 -16.28 8.00 -9.59
N ASP B 195 -17.54 8.17 -9.14
CA ASP B 195 -18.70 7.63 -9.85
C ASP B 195 -18.75 8.15 -11.32
N GLN B 196 -18.31 9.39 -11.56
CA GLN B 196 -18.30 10.03 -12.88
CA GLN B 196 -18.37 9.92 -12.92
C GLN B 196 -17.04 9.76 -13.70
N LEU B 197 -16.04 9.12 -13.10
CA LEU B 197 -14.74 8.90 -13.76
C LEU B 197 -14.60 7.59 -14.61
N ASP B 198 -14.08 7.75 -15.84
CA ASP B 198 -13.57 6.69 -16.75
C ASP B 198 -12.35 7.27 -17.52
N TYR B 199 -11.36 6.45 -17.87
CA TYR B 199 -10.22 6.97 -18.72
C TYR B 199 -10.45 6.76 -20.22
#